data_1PY1
#
_entry.id   1PY1
#
_cell.length_a   70.140
_cell.length_b   95.420
_cell.length_c   107.970
_cell.angle_alpha   90.00
_cell.angle_beta   90.00
_cell.angle_gamma   90.00
#
_symmetry.space_group_name_H-M   'P 21 21 2'
#
loop_
_entity.id
_entity.type
_entity.pdbx_description
1 polymer 'ADP-ribosylation factor binding protein GGA1'
2 polymer Beta-secretase
3 water water
#
loop_
_entity_poly.entity_id
_entity_poly.type
_entity_poly.pdbx_seq_one_letter_code
_entity_poly.pdbx_strand_id
1 'polypeptide(L)'
;GSEPAMEPETLEARINRATNPLNKELDWASINGFCEQLNEDFEGPPLATRLLAHKIQSPQEWEAIQALTVLETCMKSCGK
RFHDEVGKFRFLNELIKVVSPKYLGSRTSEKVKNKILELLYSWTVGLPEEVKIAEAYQMLKKQGIVKSDPKLPDDTTF
;
A,B,C,D
2 'polypeptide(L)' ADDI(SEP)LLK E,F,G,H
#
# COMPACT_ATOMS: atom_id res chain seq x y z
N GLU A 9 10.44 49.07 -5.51
CA GLU A 9 10.88 47.96 -6.44
C GLU A 9 12.06 47.15 -5.84
N THR A 10 11.92 45.83 -5.82
CA THR A 10 12.98 44.95 -5.29
C THR A 10 13.69 44.23 -6.43
N LEU A 11 14.80 43.57 -6.13
CA LEU A 11 15.51 42.84 -7.18
C LEU A 11 14.58 41.78 -7.77
N GLU A 12 13.87 41.07 -6.91
CA GLU A 12 12.92 40.04 -7.37
C GLU A 12 11.89 40.65 -8.35
N ALA A 13 11.31 41.77 -7.96
CA ALA A 13 10.32 42.42 -8.83
C ALA A 13 10.97 42.79 -10.18
N ARG A 14 12.17 43.34 -10.10
CA ARG A 14 12.93 43.72 -11.28
C ARG A 14 13.21 42.47 -12.16
N ILE A 15 13.92 41.51 -11.60
CA ILE A 15 14.26 40.30 -12.34
C ILE A 15 13.05 39.60 -12.93
N ASN A 16 11.93 39.63 -12.24
CA ASN A 16 10.74 38.97 -12.76
C ASN A 16 10.20 39.65 -14.05
N ARG A 17 10.39 40.96 -14.15
CA ARG A 17 9.92 41.69 -15.34
C ARG A 17 10.97 41.63 -16.47
N ALA A 18 12.24 41.59 -16.09
CA ALA A 18 13.31 41.52 -17.05
C ALA A 18 13.41 40.12 -17.72
N THR A 19 12.90 39.09 -17.03
CA THR A 19 12.97 37.72 -17.57
C THR A 19 11.58 37.10 -17.76
N ASN A 20 10.57 37.95 -17.80
CA ASN A 20 9.19 37.51 -17.96
C ASN A 20 8.95 36.81 -19.31
N PRO A 21 8.42 35.58 -19.29
CA PRO A 21 8.15 34.82 -20.52
C PRO A 21 7.14 35.51 -21.50
N LEU A 22 6.32 36.40 -20.97
CA LEU A 22 5.31 37.11 -21.76
C LEU A 22 5.89 38.26 -22.62
N ASN A 23 7.11 38.67 -22.33
CA ASN A 23 7.72 39.77 -23.08
C ASN A 23 7.79 39.50 -24.59
N LYS A 24 7.23 40.41 -25.39
CA LYS A 24 7.26 40.23 -26.84
C LYS A 24 8.66 40.56 -27.40
N GLU A 25 9.44 41.26 -26.57
CA GLU A 25 10.81 41.66 -26.88
C GLU A 25 11.57 41.99 -25.58
N LEU A 26 12.88 42.21 -25.67
CA LEU A 26 13.69 42.52 -24.48
C LEU A 26 13.25 43.85 -23.79
N ASP A 27 13.11 43.80 -22.47
CA ASP A 27 12.71 44.98 -21.71
C ASP A 27 13.93 45.65 -21.10
N TRP A 28 14.66 46.40 -21.91
CA TRP A 28 15.86 47.07 -21.41
C TRP A 28 15.63 47.94 -20.18
N ALA A 29 14.46 48.55 -20.08
CA ALA A 29 14.18 49.38 -18.90
C ALA A 29 14.35 48.54 -17.59
N SER A 30 13.87 47.31 -17.64
CA SER A 30 13.92 46.38 -16.51
C SER A 30 15.29 45.70 -16.37
N ILE A 31 15.86 45.30 -17.49
CA ILE A 31 17.16 44.67 -17.47
C ILE A 31 18.19 45.63 -16.86
N ASN A 32 18.31 46.82 -17.41
CA ASN A 32 19.29 47.77 -16.87
C ASN A 32 18.89 48.22 -15.46
N GLY A 33 17.60 48.29 -15.23
CA GLY A 33 17.14 48.68 -13.92
C GLY A 33 17.63 47.67 -12.88
N PHE A 34 17.71 46.40 -13.27
CA PHE A 34 18.14 45.37 -12.34
C PHE A 34 19.62 45.45 -12.03
N CYS A 35 20.41 45.83 -13.02
CA CYS A 35 21.86 45.97 -12.80
C CYS A 35 22.16 47.20 -11.92
N GLU A 36 21.38 48.26 -12.10
CA GLU A 36 21.55 49.49 -11.32
C GLU A 36 21.23 49.27 -9.83
N GLN A 37 20.13 48.56 -9.59
CA GLN A 37 19.70 48.31 -8.22
C GLN A 37 20.53 47.25 -7.46
N LEU A 38 21.03 46.23 -8.15
CA LEU A 38 21.80 45.22 -7.44
C LEU A 38 23.08 45.82 -6.77
N ASN A 39 23.45 47.03 -7.18
CA ASN A 39 24.62 47.73 -6.61
C ASN A 39 24.25 48.74 -5.52
N GLU A 40 22.98 49.17 -5.51
CA GLU A 40 22.49 50.16 -4.52
C GLU A 40 22.43 49.58 -3.09
N ASP A 41 22.68 48.27 -2.99
CA ASP A 41 22.68 47.59 -1.70
C ASP A 41 23.90 46.65 -1.58
N PHE A 42 24.52 46.59 -0.40
CA PHE A 42 25.69 45.72 -0.23
C PHE A 42 25.34 44.20 -0.18
N GLU A 43 24.04 43.92 -0.14
CA GLU A 43 23.53 42.54 -0.09
C GLU A 43 23.11 42.03 -1.49
N GLY A 44 22.78 42.99 -2.36
CA GLY A 44 22.35 42.70 -3.70
C GLY A 44 23.15 41.71 -4.53
N PRO A 45 24.41 42.00 -4.82
CA PRO A 45 25.22 41.08 -5.62
C PRO A 45 25.04 39.57 -5.32
N PRO A 46 25.17 39.16 -4.04
CA PRO A 46 25.01 37.73 -3.76
C PRO A 46 23.55 37.27 -3.99
N LEU A 47 22.61 38.19 -3.82
CA LEU A 47 21.21 37.85 -4.00
C LEU A 47 20.82 37.80 -5.46
N ALA A 48 21.37 38.73 -6.24
CA ALA A 48 21.10 38.80 -7.68
C ALA A 48 21.61 37.54 -8.40
N THR A 49 22.77 37.05 -7.98
CA THR A 49 23.29 35.86 -8.64
C THR A 49 22.40 34.64 -8.36
N ARG A 50 21.76 34.58 -7.19
CA ARG A 50 20.87 33.45 -6.90
C ARG A 50 19.57 33.57 -7.70
N LEU A 51 19.11 34.80 -7.88
CA LEU A 51 17.89 34.99 -8.66
C LEU A 51 18.18 34.65 -10.15
N LEU A 52 19.35 35.06 -10.64
CA LEU A 52 19.66 34.77 -12.02
C LEU A 52 19.86 33.26 -12.26
N ALA A 53 20.55 32.60 -11.34
CA ALA A 53 20.80 31.17 -11.51
C ALA A 53 19.49 30.40 -11.61
N HIS A 54 18.50 30.81 -10.82
CA HIS A 54 17.21 30.14 -10.88
C HIS A 54 16.50 30.41 -12.23
N LYS A 55 16.56 31.66 -12.70
CA LYS A 55 15.94 31.99 -13.99
C LYS A 55 16.68 31.29 -15.15
N ILE A 56 18.02 31.29 -15.08
CA ILE A 56 18.82 30.65 -16.11
C ILE A 56 18.55 29.11 -16.24
N GLN A 57 18.04 28.50 -15.17
CA GLN A 57 17.75 27.04 -15.18
C GLN A 57 16.27 26.75 -15.43
N SER A 58 15.57 27.76 -15.92
CA SER A 58 14.14 27.63 -16.21
C SER A 58 13.88 26.75 -17.46
N PRO A 59 12.87 25.89 -17.39
CA PRO A 59 12.59 25.05 -18.56
C PRO A 59 12.08 25.95 -19.71
N GLN A 60 11.60 27.13 -19.36
CA GLN A 60 11.05 28.05 -20.36
C GLN A 60 12.18 28.87 -21.02
N GLU A 61 12.61 28.41 -22.20
CA GLU A 61 13.71 29.05 -22.93
C GLU A 61 13.71 30.59 -22.89
N TRP A 62 12.62 31.22 -23.33
CA TRP A 62 12.58 32.70 -23.33
C TRP A 62 12.91 33.31 -21.95
N GLU A 63 12.66 32.53 -20.88
CA GLU A 63 12.94 33.00 -19.50
C GLU A 63 14.46 32.94 -19.17
N ALA A 64 15.07 31.80 -19.48
CA ALA A 64 16.50 31.60 -19.25
C ALA A 64 17.34 32.50 -20.17
N ILE A 65 16.88 32.65 -21.41
CA ILE A 65 17.56 33.51 -22.38
C ILE A 65 17.58 34.97 -21.91
N GLN A 66 16.41 35.50 -21.54
CA GLN A 66 16.39 36.88 -21.08
C GLN A 66 17.28 37.02 -19.85
N ALA A 67 17.24 36.00 -19.01
CA ALA A 67 18.05 35.99 -17.82
C ALA A 67 19.55 36.05 -18.18
N LEU A 68 19.93 35.36 -19.26
CA LEU A 68 21.34 35.39 -19.67
C LEU A 68 21.70 36.79 -20.22
N THR A 69 20.76 37.46 -20.85
CA THR A 69 21.00 38.82 -21.34
C THR A 69 21.14 39.76 -20.14
N VAL A 70 20.40 39.48 -19.08
CA VAL A 70 20.48 40.25 -17.85
C VAL A 70 21.85 40.04 -17.18
N LEU A 71 22.29 38.79 -17.12
CA LEU A 71 23.58 38.47 -16.52
C LEU A 71 24.70 39.12 -17.31
N GLU A 72 24.56 39.06 -18.63
CA GLU A 72 25.54 39.61 -19.56
C GLU A 72 25.68 41.11 -19.39
N THR A 73 24.53 41.76 -19.34
CA THR A 73 24.49 43.19 -19.19
C THR A 73 25.10 43.63 -17.88
N CYS A 74 24.68 43.02 -16.78
CA CYS A 74 25.23 43.41 -15.48
C CYS A 74 26.76 43.20 -15.41
N MET A 75 27.27 42.20 -16.12
CA MET A 75 28.72 41.98 -16.10
C MET A 75 29.44 43.20 -16.74
N LYS A 76 28.91 43.70 -17.84
CA LYS A 76 29.50 44.84 -18.48
C LYS A 76 29.33 46.14 -17.65
N SER A 77 28.13 46.34 -17.11
CA SER A 77 27.79 47.54 -16.31
C SER A 77 28.50 47.63 -14.93
N CYS A 78 28.20 46.68 -14.06
CA CYS A 78 28.75 46.65 -12.70
C CYS A 78 30.26 46.32 -12.63
N GLY A 79 30.88 46.64 -11.49
CA GLY A 79 32.30 46.39 -11.32
C GLY A 79 32.65 45.12 -10.57
N LYS A 80 33.69 45.18 -9.75
CA LYS A 80 34.13 44.00 -8.99
C LYS A 80 33.07 43.50 -7.98
N ARG A 81 32.27 44.41 -7.45
CA ARG A 81 31.23 44.04 -6.49
C ARG A 81 30.44 42.82 -7.01
N PHE A 82 29.95 42.93 -8.24
CA PHE A 82 29.17 41.86 -8.91
C PHE A 82 30.11 40.81 -9.55
N HIS A 83 31.16 41.29 -10.22
CA HIS A 83 32.14 40.38 -10.85
C HIS A 83 32.63 39.26 -9.90
N ASP A 84 32.89 39.62 -8.66
CA ASP A 84 33.34 38.64 -7.68
C ASP A 84 32.27 37.58 -7.39
N GLU A 85 31.02 38.01 -7.35
CA GLU A 85 29.91 37.09 -7.08
C GLU A 85 29.70 36.07 -8.22
N VAL A 86 29.79 36.54 -9.46
CA VAL A 86 29.65 35.66 -10.62
C VAL A 86 30.92 34.81 -10.73
N GLY A 87 32.00 35.34 -10.17
CA GLY A 87 33.27 34.64 -10.21
C GLY A 87 33.43 33.59 -9.15
N LYS A 88 32.38 33.32 -8.38
CA LYS A 88 32.49 32.26 -7.36
C LYS A 88 31.87 30.97 -7.89
N PHE A 89 32.38 29.83 -7.43
CA PHE A 89 31.82 28.59 -7.88
C PHE A 89 30.37 28.47 -7.41
N ARG A 90 30.03 29.20 -6.36
CA ARG A 90 28.64 29.16 -5.86
C ARG A 90 27.70 29.51 -7.00
N PHE A 91 28.18 30.36 -7.91
CA PHE A 91 27.36 30.70 -9.07
C PHE A 91 27.81 29.93 -10.32
N LEU A 92 29.12 29.83 -10.53
CA LEU A 92 29.59 29.13 -11.73
C LEU A 92 29.06 27.68 -11.75
N ASN A 93 28.90 27.07 -10.58
CA ASN A 93 28.37 25.69 -10.58
C ASN A 93 26.95 25.66 -11.23
N GLU A 94 26.13 26.68 -10.94
CA GLU A 94 24.79 26.77 -11.54
C GLU A 94 24.86 26.84 -13.11
N LEU A 95 25.82 27.60 -13.64
CA LEU A 95 26.04 27.68 -15.08
C LEU A 95 26.55 26.33 -15.62
N ILE A 96 27.36 25.63 -14.82
CA ILE A 96 27.87 24.33 -15.26
C ILE A 96 26.78 23.27 -15.31
N LYS A 97 25.86 23.31 -14.35
CA LYS A 97 24.80 22.34 -14.39
C LYS A 97 23.93 22.55 -15.64
N VAL A 98 23.84 23.78 -16.11
CA VAL A 98 22.98 24.01 -17.28
C VAL A 98 23.57 23.47 -18.62
N VAL A 99 24.90 23.55 -18.75
CA VAL A 99 25.59 23.11 -19.97
C VAL A 99 26.28 21.73 -19.84
N SER A 100 26.53 21.25 -18.62
CA SER A 100 27.21 19.94 -18.47
C SER A 100 26.24 18.73 -18.61
N PRO A 101 26.52 17.80 -19.55
CA PRO A 101 25.67 16.63 -19.75
C PRO A 101 25.40 15.86 -18.45
N LYS A 102 26.38 15.84 -17.56
CA LYS A 102 26.23 15.15 -16.30
C LYS A 102 25.04 15.72 -15.49
N TYR A 103 24.44 16.80 -15.98
CA TYR A 103 23.27 17.42 -15.28
C TYR A 103 22.18 17.89 -16.27
N LEU A 104 21.56 19.03 -15.98
CA LEU A 104 20.51 19.56 -16.84
C LEU A 104 20.92 19.64 -18.33
N GLY A 105 22.23 19.52 -18.61
CA GLY A 105 22.74 19.60 -19.97
C GLY A 105 21.88 18.95 -21.05
N SER A 106 21.55 17.68 -20.85
CA SER A 106 20.73 16.92 -21.79
C SER A 106 19.35 17.59 -22.04
N ARG A 107 18.74 18.06 -20.96
CA ARG A 107 17.42 18.70 -21.01
C ARG A 107 17.43 20.23 -21.24
N THR A 108 18.53 20.76 -21.76
CA THR A 108 18.64 22.21 -21.99
C THR A 108 18.86 22.58 -23.49
N SER A 109 18.17 23.62 -23.96
CA SER A 109 18.27 24.09 -25.38
C SER A 109 19.66 24.56 -25.78
N GLU A 110 20.09 24.13 -26.96
CA GLU A 110 21.41 24.50 -27.48
C GLU A 110 21.58 26.03 -27.52
N LYS A 111 20.47 26.75 -27.65
CA LYS A 111 20.56 28.21 -27.70
C LYS A 111 21.11 28.72 -26.36
N VAL A 112 20.45 28.33 -25.28
CA VAL A 112 20.89 28.72 -23.95
C VAL A 112 22.30 28.19 -23.65
N LYS A 113 22.53 26.90 -23.86
CA LYS A 113 23.86 26.33 -23.59
C LYS A 113 24.99 27.07 -24.32
N ASN A 114 24.78 27.34 -25.60
CA ASN A 114 25.83 28.06 -26.34
C ASN A 114 25.98 29.50 -25.81
N LYS A 115 24.87 30.10 -25.38
CA LYS A 115 24.93 31.45 -24.83
C LYS A 115 25.80 31.48 -23.54
N ILE A 116 25.60 30.50 -22.68
CA ILE A 116 26.37 30.38 -21.44
C ILE A 116 27.87 30.21 -21.75
N LEU A 117 28.17 29.38 -22.74
CA LEU A 117 29.56 29.14 -23.15
C LEU A 117 30.20 30.40 -23.77
N GLU A 118 29.39 31.21 -24.45
CA GLU A 118 29.93 32.45 -25.01
C GLU A 118 30.28 33.42 -23.87
N LEU A 119 29.37 33.55 -22.91
CA LEU A 119 29.64 34.45 -21.79
C LEU A 119 30.83 33.94 -20.97
N LEU A 120 30.77 32.67 -20.57
CA LEU A 120 31.89 32.12 -19.80
C LEU A 120 33.24 32.47 -20.47
N TYR A 121 33.35 32.23 -21.76
CA TYR A 121 34.59 32.56 -22.46
C TYR A 121 34.87 34.09 -22.47
N SER A 122 33.84 34.90 -22.78
CA SER A 122 34.08 36.35 -22.82
C SER A 122 34.55 36.92 -21.47
N TRP A 123 34.42 36.15 -20.40
CA TRP A 123 34.86 36.63 -19.09
C TRP A 123 36.31 36.23 -18.82
N THR A 124 36.69 35.08 -19.36
CA THR A 124 38.05 34.63 -19.21
C THR A 124 39.00 35.65 -19.84
N VAL A 125 38.47 36.38 -20.82
CA VAL A 125 39.25 37.41 -21.52
C VAL A 125 39.13 38.81 -20.91
N GLY A 126 37.90 39.23 -20.61
CA GLY A 126 37.73 40.55 -20.05
C GLY A 126 38.06 40.64 -18.58
N LEU A 127 37.95 39.51 -17.88
CA LEU A 127 38.22 39.47 -16.45
C LEU A 127 39.16 38.32 -16.06
N PRO A 128 40.37 38.31 -16.61
CA PRO A 128 41.33 37.24 -16.30
C PRO A 128 41.66 37.10 -14.79
N GLU A 129 41.50 38.17 -14.01
CA GLU A 129 41.75 38.14 -12.56
C GLU A 129 40.85 37.10 -11.85
N GLU A 130 39.66 36.88 -12.40
CA GLU A 130 38.71 35.93 -11.84
C GLU A 130 39.16 34.51 -12.14
N VAL A 131 40.15 34.05 -11.40
CA VAL A 131 40.72 32.71 -11.60
C VAL A 131 39.67 31.58 -11.68
N LYS A 132 38.60 31.67 -10.87
CA LYS A 132 37.53 30.65 -10.84
C LYS A 132 36.88 30.50 -12.22
N ILE A 133 36.51 31.63 -12.83
CA ILE A 133 35.89 31.57 -14.14
C ILE A 133 36.77 30.77 -15.13
N ALA A 134 38.06 31.11 -15.22
CA ALA A 134 38.98 30.41 -16.11
C ALA A 134 39.07 28.90 -15.78
N GLU A 135 39.09 28.56 -14.49
CA GLU A 135 39.18 27.14 -14.06
C GLU A 135 37.93 26.36 -14.52
N ALA A 136 36.76 26.95 -14.27
CA ALA A 136 35.50 26.35 -14.65
C ALA A 136 35.44 26.15 -16.16
N TYR A 137 35.76 27.21 -16.90
CA TYR A 137 35.73 27.16 -18.39
C TYR A 137 36.71 26.11 -18.94
N GLN A 138 37.90 26.09 -18.37
CA GLN A 138 38.91 25.15 -18.76
C GLN A 138 38.40 23.70 -18.56
N MET A 139 37.68 23.47 -17.47
CA MET A 139 37.15 22.14 -17.25
C MET A 139 36.18 21.74 -18.38
N LEU A 140 35.23 22.62 -18.67
CA LEU A 140 34.24 22.38 -19.74
C LEU A 140 34.94 22.06 -21.08
N LYS A 141 36.11 22.66 -21.25
CA LYS A 141 36.90 22.47 -22.45
C LYS A 141 37.55 21.08 -22.49
N LYS A 142 38.10 20.63 -21.37
CA LYS A 142 38.71 19.30 -21.36
C LYS A 142 37.67 18.19 -21.32
N GLN A 143 36.47 18.49 -20.82
CA GLN A 143 35.45 17.44 -20.80
C GLN A 143 34.71 17.30 -22.15
N GLY A 144 35.00 18.22 -23.08
CA GLY A 144 34.38 18.15 -24.39
C GLY A 144 33.22 19.11 -24.59
N ILE A 145 32.61 19.54 -23.49
CA ILE A 145 31.49 20.47 -23.56
C ILE A 145 31.82 21.72 -24.41
N VAL A 146 33.10 22.07 -24.48
CA VAL A 146 33.53 23.25 -25.27
C VAL A 146 34.66 22.86 -26.24
N LYS A 147 34.31 22.67 -27.52
CA LYS A 147 35.30 22.28 -28.51
C LYS A 147 36.27 23.42 -28.92
N SER A 148 35.80 24.66 -28.87
CA SER A 148 36.65 25.80 -29.23
C SER A 148 36.07 27.14 -28.73
N ASP A 149 36.92 28.17 -28.69
CA ASP A 149 36.48 29.49 -28.23
C ASP A 149 35.51 30.19 -29.21
N PRO A 150 34.27 30.45 -28.78
CA PRO A 150 33.28 31.11 -29.64
C PRO A 150 33.64 32.59 -30.01
N PRO B 8 -1.42 31.12 -24.14
CA PRO B 8 -2.52 31.50 -23.22
C PRO B 8 -3.08 30.25 -22.47
N GLU B 9 -3.41 29.23 -23.26
CA GLU B 9 -3.95 27.97 -22.72
C GLU B 9 -2.83 26.92 -22.51
N THR B 10 -1.62 27.27 -22.94
CA THR B 10 -0.49 26.35 -22.77
C THR B 10 -0.10 26.21 -21.28
N LEU B 11 0.37 25.02 -20.91
CA LEU B 11 0.78 24.74 -19.53
C LEU B 11 1.70 25.88 -18.97
N GLU B 12 2.74 26.25 -19.71
CA GLU B 12 3.68 27.32 -19.30
C GLU B 12 2.96 28.65 -18.97
N ALA B 13 1.96 28.99 -19.77
CA ALA B 13 1.21 30.23 -19.51
C ALA B 13 0.31 30.05 -18.26
N ARG B 14 -0.26 28.87 -18.11
CA ARG B 14 -1.11 28.65 -16.94
C ARG B 14 -0.29 28.62 -15.66
N ILE B 15 0.80 27.86 -15.66
CA ILE B 15 1.64 27.81 -14.47
C ILE B 15 2.21 29.18 -14.13
N ASN B 16 2.54 29.95 -15.16
CA ASN B 16 3.06 31.29 -14.89
C ASN B 16 2.02 32.19 -14.19
N ARG B 17 0.73 31.92 -14.38
CA ARG B 17 -0.29 32.73 -13.72
C ARG B 17 -0.61 32.17 -12.36
N ALA B 18 -0.70 30.86 -12.30
CA ALA B 18 -1.02 30.21 -11.04
C ALA B 18 0.09 30.40 -9.96
N THR B 19 1.35 30.52 -10.36
CA THR B 19 2.43 30.67 -9.38
C THR B 19 3.09 32.07 -9.42
N ASN B 20 2.39 32.99 -10.05
CA ASN B 20 2.87 34.35 -10.19
C ASN B 20 3.22 35.05 -8.84
N PRO B 21 4.49 35.43 -8.65
CA PRO B 21 4.98 36.10 -7.44
C PRO B 21 4.19 37.36 -7.08
N LEU B 22 3.55 37.93 -8.09
CA LEU B 22 2.76 39.17 -7.92
C LEU B 22 1.33 38.93 -7.35
N ASN B 23 0.77 37.74 -7.57
CA ASN B 23 -0.56 37.41 -7.06
C ASN B 23 -0.72 37.83 -5.58
N LYS B 24 -1.70 38.68 -5.28
CA LYS B 24 -1.94 39.13 -3.91
C LYS B 24 -2.58 38.00 -3.06
N GLU B 25 -3.16 37.03 -3.76
CA GLU B 25 -3.80 35.86 -3.11
C GLU B 25 -3.87 34.64 -4.09
N LEU B 26 -3.94 33.42 -3.55
CA LEU B 26 -4.04 32.24 -4.42
C LEU B 26 -5.05 32.50 -5.55
N ASP B 27 -4.73 31.98 -6.73
CA ASP B 27 -5.56 32.12 -7.94
C ASP B 27 -6.08 30.75 -8.36
N TRP B 28 -7.15 30.31 -7.70
CA TRP B 28 -7.73 29.00 -7.97
C TRP B 28 -8.15 28.76 -9.44
N ALA B 29 -8.67 29.81 -10.07
CA ALA B 29 -9.08 29.66 -11.46
C ALA B 29 -7.91 29.13 -12.30
N SER B 30 -6.77 29.83 -12.21
CA SER B 30 -5.58 29.45 -12.94
C SER B 30 -4.98 28.12 -12.45
N ILE B 31 -5.05 27.88 -11.15
CA ILE B 31 -4.53 26.63 -10.62
C ILE B 31 -5.37 25.46 -11.10
N ASN B 32 -6.69 25.60 -11.02
CA ASN B 32 -7.55 24.50 -11.49
C ASN B 32 -7.40 24.31 -13.00
N GLY B 33 -7.46 25.43 -13.73
CA GLY B 33 -7.30 25.37 -15.18
C GLY B 33 -6.04 24.61 -15.53
N PHE B 34 -4.98 24.80 -14.75
CA PHE B 34 -3.71 24.13 -14.99
C PHE B 34 -3.82 22.61 -14.78
N CYS B 35 -4.46 22.18 -13.70
CA CYS B 35 -4.62 20.75 -13.45
C CYS B 35 -5.44 20.08 -14.56
N GLU B 36 -6.52 20.74 -14.96
CA GLU B 36 -7.38 20.21 -16.02
C GLU B 36 -6.65 20.14 -17.37
N GLN B 37 -5.89 21.19 -17.66
CA GLN B 37 -5.15 21.25 -18.92
C GLN B 37 -4.12 20.12 -19.08
N LEU B 38 -3.55 19.65 -17.99
CA LEU B 38 -2.57 18.59 -18.11
C LEU B 38 -3.23 17.20 -18.31
N ASN B 39 -4.41 17.02 -17.71
CA ASN B 39 -5.17 15.75 -17.84
C ASN B 39 -5.68 15.46 -19.26
N GLU B 40 -5.15 16.17 -20.26
CA GLU B 40 -5.56 15.94 -21.63
C GLU B 40 -4.39 16.01 -22.61
N ASP B 41 -3.32 15.28 -22.27
CA ASP B 41 -2.14 15.21 -23.10
C ASP B 41 -1.12 14.19 -22.60
N PHE B 42 -0.69 13.28 -23.48
CA PHE B 42 0.29 12.27 -23.08
C PHE B 42 1.61 12.91 -22.63
N GLU B 43 1.87 14.12 -23.11
CA GLU B 43 3.06 14.88 -22.75
C GLU B 43 2.74 15.96 -21.69
N GLY B 44 1.45 16.13 -21.43
CA GLY B 44 1.01 17.11 -20.46
C GLY B 44 1.64 16.90 -19.09
N PRO B 45 1.44 15.73 -18.47
CA PRO B 45 2.00 15.45 -17.15
C PRO B 45 3.55 15.64 -17.03
N PRO B 46 4.33 15.04 -17.93
CA PRO B 46 5.78 15.21 -17.82
C PRO B 46 6.18 16.72 -17.86
N LEU B 47 5.54 17.48 -18.75
CA LEU B 47 5.81 18.90 -18.85
C LEU B 47 5.38 19.64 -17.58
N ALA B 48 4.30 19.17 -16.96
CA ALA B 48 3.83 19.81 -15.75
C ALA B 48 4.82 19.63 -14.59
N THR B 49 5.23 18.38 -14.35
CA THR B 49 6.16 18.08 -13.27
C THR B 49 7.49 18.81 -13.46
N ARG B 50 7.94 18.91 -14.71
CA ARG B 50 9.17 19.62 -15.01
C ARG B 50 9.00 21.12 -14.68
N LEU B 51 7.90 21.72 -15.14
CA LEU B 51 7.60 23.13 -14.88
C LEU B 51 7.36 23.38 -13.37
N LEU B 52 6.76 22.39 -12.69
CA LEU B 52 6.50 22.52 -11.26
C LEU B 52 7.82 22.47 -10.42
N ALA B 53 8.66 21.48 -10.71
CA ALA B 53 9.95 21.34 -10.00
C ALA B 53 10.71 22.68 -10.03
N HIS B 54 10.71 23.33 -11.20
CA HIS B 54 11.39 24.62 -11.29
C HIS B 54 10.75 25.66 -10.33
N LYS B 55 9.45 25.95 -10.50
CA LYS B 55 8.74 26.91 -9.63
C LYS B 55 8.88 26.59 -8.13
N ILE B 56 8.82 25.30 -7.80
CA ILE B 56 8.92 24.84 -6.42
C ILE B 56 10.28 25.13 -5.81
N GLN B 57 11.26 25.25 -6.70
CA GLN B 57 12.63 25.53 -6.27
C GLN B 57 12.98 27.03 -6.25
N SER B 58 12.04 27.87 -6.63
CA SER B 58 12.30 29.33 -6.68
C SER B 58 12.69 29.98 -5.32
N PRO B 59 13.68 30.88 -5.33
CA PRO B 59 14.11 31.57 -4.11
C PRO B 59 12.94 32.35 -3.55
N GLN B 60 12.03 32.76 -4.42
CA GLN B 60 10.85 33.52 -3.97
C GLN B 60 9.80 32.59 -3.33
N GLU B 61 9.75 32.59 -2.00
CA GLU B 61 8.83 31.72 -1.24
C GLU B 61 7.37 31.67 -1.78
N TRP B 62 6.78 32.83 -2.03
CA TRP B 62 5.36 32.91 -2.51
C TRP B 62 5.20 32.24 -3.89
N GLU B 63 6.30 32.13 -4.60
CA GLU B 63 6.27 31.47 -5.85
C GLU B 63 6.25 29.95 -5.62
N ALA B 64 7.13 29.48 -4.74
CA ALA B 64 7.22 28.05 -4.43
C ALA B 64 5.97 27.55 -3.69
N ILE B 65 5.43 28.36 -2.78
CA ILE B 65 4.20 27.97 -2.04
C ILE B 65 3.05 27.82 -3.00
N GLN B 66 2.93 28.72 -3.96
CA GLN B 66 1.84 28.57 -4.89
C GLN B 66 2.08 27.37 -5.80
N ALA B 67 3.35 27.14 -6.20
CA ALA B 67 3.64 25.96 -7.05
C ALA B 67 3.28 24.66 -6.25
N LEU B 68 3.66 24.62 -4.97
CA LEU B 68 3.29 23.48 -4.14
C LEU B 68 1.76 23.36 -4.01
N THR B 69 1.08 24.50 -3.97
CA THR B 69 -0.37 24.47 -3.88
C THR B 69 -0.95 23.83 -5.16
N VAL B 70 -0.26 24.06 -6.28
CA VAL B 70 -0.69 23.49 -7.55
C VAL B 70 -0.44 21.96 -7.56
N LEU B 71 0.72 21.57 -7.06
CA LEU B 71 1.09 20.14 -6.99
C LEU B 71 0.09 19.38 -6.13
N GLU B 72 -0.21 19.96 -4.98
CA GLU B 72 -1.14 19.35 -4.05
C GLU B 72 -2.51 19.20 -4.71
N THR B 73 -2.92 20.25 -5.39
CA THR B 73 -4.21 20.24 -6.04
C THR B 73 -4.31 19.25 -7.19
N CYS B 74 -3.35 19.28 -8.10
CA CYS B 74 -3.45 18.35 -9.22
C CYS B 74 -3.35 16.88 -8.77
N MET B 75 -2.66 16.61 -7.67
CA MET B 75 -2.57 15.23 -7.22
C MET B 75 -3.95 14.72 -6.83
N LYS B 76 -4.77 15.60 -6.26
CA LYS B 76 -6.15 15.22 -5.84
C LYS B 76 -7.10 14.90 -7.04
N SER B 77 -6.97 15.65 -8.13
CA SER B 77 -7.86 15.46 -9.28
C SER B 77 -7.14 15.05 -10.56
N CYS B 78 -6.53 13.87 -10.53
CA CYS B 78 -5.82 13.35 -11.70
C CYS B 78 -5.58 11.83 -11.63
N GLY B 79 -5.41 11.21 -12.78
CA GLY B 79 -5.20 9.79 -12.85
C GLY B 79 -3.77 9.32 -12.71
N LYS B 80 -3.51 8.10 -13.17
CA LYS B 80 -2.17 7.55 -13.06
C LYS B 80 -1.15 8.37 -13.89
N ARG B 81 -1.62 8.93 -15.00
CA ARG B 81 -0.77 9.74 -15.87
C ARG B 81 0.10 10.75 -15.08
N PHE B 82 -0.54 11.56 -14.25
CA PHE B 82 0.16 12.56 -13.43
C PHE B 82 0.64 11.93 -12.11
N HIS B 83 -0.15 11.04 -11.55
CA HIS B 83 0.28 10.37 -10.30
C HIS B 83 1.59 9.60 -10.50
N ASP B 84 1.82 9.11 -11.72
CA ASP B 84 3.05 8.38 -11.99
C ASP B 84 4.25 9.31 -12.19
N GLU B 85 4.00 10.48 -12.77
CA GLU B 85 5.10 11.44 -13.01
C GLU B 85 5.66 11.96 -11.69
N VAL B 86 4.78 12.17 -10.72
CA VAL B 86 5.22 12.63 -9.41
C VAL B 86 5.85 11.49 -8.62
N GLY B 87 5.39 10.28 -8.91
CA GLY B 87 5.91 9.10 -8.25
C GLY B 87 7.33 8.81 -8.71
N LYS B 88 7.68 9.17 -9.95
CA LYS B 88 9.05 8.91 -10.43
C LYS B 88 10.12 9.76 -9.69
N PHE B 89 11.27 9.18 -9.40
CA PHE B 89 12.36 9.92 -8.69
C PHE B 89 12.82 11.14 -9.51
N ARG B 90 12.55 11.11 -10.81
CA ARG B 90 12.85 12.21 -11.73
C ARG B 90 12.24 13.51 -11.19
N PHE B 91 11.14 13.38 -10.44
CA PHE B 91 10.47 14.51 -9.82
C PHE B 91 10.75 14.55 -8.32
N LEU B 92 10.51 13.45 -7.62
CA LEU B 92 10.76 13.44 -6.19
C LEU B 92 12.17 14.01 -5.82
N ASN B 93 13.20 13.70 -6.60
CA ASN B 93 14.53 14.24 -6.27
C ASN B 93 14.51 15.78 -6.14
N GLU B 94 13.88 16.46 -7.09
CA GLU B 94 13.79 17.93 -7.04
C GLU B 94 13.17 18.40 -5.68
N LEU B 95 12.20 17.65 -5.16
CA LEU B 95 11.61 17.99 -3.84
C LEU B 95 12.67 17.69 -2.74
N ILE B 96 13.34 16.54 -2.83
CA ILE B 96 14.35 16.19 -1.85
C ILE B 96 15.45 17.27 -1.79
N LYS B 97 15.79 17.78 -2.96
CA LYS B 97 16.79 18.83 -3.08
C LYS B 97 16.40 20.07 -2.29
N VAL B 98 15.11 20.39 -2.34
CA VAL B 98 14.58 21.56 -1.67
C VAL B 98 14.54 21.44 -0.14
N VAL B 99 14.31 20.24 0.38
CA VAL B 99 14.24 20.08 1.85
C VAL B 99 15.54 19.59 2.49
N SER B 100 16.39 18.92 1.72
CA SER B 100 17.63 18.42 2.27
C SER B 100 18.70 19.52 2.31
N PRO B 101 19.26 19.77 3.51
CA PRO B 101 20.29 20.79 3.71
C PRO B 101 21.53 20.50 2.84
N LYS B 102 21.70 19.22 2.48
CA LYS B 102 22.84 18.79 1.68
C LYS B 102 22.81 19.39 0.27
N TYR B 103 21.67 19.98 -0.07
CA TYR B 103 21.43 20.60 -1.39
C TYR B 103 20.95 22.06 -1.27
N LEU B 104 19.63 22.26 -1.33
CA LEU B 104 19.09 23.61 -1.21
C LEU B 104 18.39 23.82 0.15
N GLY B 105 18.38 22.78 0.97
CA GLY B 105 17.71 22.85 2.27
C GLY B 105 18.05 24.02 3.17
N SER B 106 19.32 24.39 3.17
CA SER B 106 19.79 25.47 4.04
C SER B 106 19.23 26.85 3.66
N ARG B 107 19.07 27.10 2.37
CA ARG B 107 18.59 28.40 1.92
C ARG B 107 17.06 28.45 1.67
N THR B 108 16.37 27.35 1.96
CA THR B 108 14.91 27.27 1.75
C THR B 108 14.06 27.57 3.02
N SER B 109 13.02 28.37 2.85
CA SER B 109 12.15 28.75 3.98
C SER B 109 11.51 27.53 4.66
N GLU B 110 11.56 27.53 5.99
CA GLU B 110 11.01 26.44 6.73
C GLU B 110 9.57 26.17 6.31
N LYS B 111 8.86 27.21 5.90
CA LYS B 111 7.47 27.05 5.46
C LYS B 111 7.37 26.13 4.22
N VAL B 112 8.09 26.50 3.17
CA VAL B 112 8.14 25.71 1.94
C VAL B 112 8.57 24.24 2.21
N LYS B 113 9.52 24.04 3.12
CA LYS B 113 9.98 22.70 3.46
C LYS B 113 8.91 21.87 4.14
N ASN B 114 8.30 22.43 5.19
CA ASN B 114 7.25 21.74 5.92
C ASN B 114 6.12 21.31 4.99
N LYS B 115 5.73 22.21 4.09
CA LYS B 115 4.65 21.91 3.13
C LYS B 115 5.03 20.72 2.24
N ILE B 116 6.27 20.69 1.78
CA ILE B 116 6.73 19.57 0.97
C ILE B 116 6.59 18.26 1.78
N LEU B 117 6.99 18.32 3.05
CA LEU B 117 6.90 17.16 3.95
C LEU B 117 5.44 16.73 4.24
N GLU B 118 4.52 17.70 4.32
CA GLU B 118 3.11 17.36 4.53
C GLU B 118 2.60 16.65 3.30
N LEU B 119 2.94 17.18 2.13
CA LEU B 119 2.48 16.55 0.93
C LEU B 119 2.98 15.11 0.81
N LEU B 120 4.30 14.93 0.90
CA LEU B 120 4.93 13.59 0.77
C LEU B 120 4.25 12.58 1.71
N TYR B 121 3.97 13.02 2.92
CA TYR B 121 3.29 12.16 3.89
C TYR B 121 1.85 11.88 3.41
N SER B 122 1.12 12.96 3.14
CA SER B 122 -0.26 12.88 2.62
C SER B 122 -0.37 11.87 1.45
N TRP B 123 0.63 11.84 0.59
CA TRP B 123 0.59 10.92 -0.54
C TRP B 123 0.96 9.47 -0.15
N THR B 124 1.87 9.31 0.81
CA THR B 124 2.25 7.97 1.22
C THR B 124 1.05 7.27 1.89
N VAL B 125 0.13 8.06 2.39
CA VAL B 125 -1.05 7.52 3.06
C VAL B 125 -2.23 7.31 2.09
N GLY B 126 -2.55 8.34 1.32
CA GLY B 126 -3.66 8.26 0.38
C GLY B 126 -3.30 7.58 -0.93
N LEU B 127 -2.02 7.32 -1.13
CA LEU B 127 -1.56 6.65 -2.36
C LEU B 127 -0.42 5.66 -2.07
N PRO B 128 -0.67 4.70 -1.15
CA PRO B 128 0.37 3.73 -0.82
C PRO B 128 0.91 3.01 -2.09
N GLU B 129 0.10 2.95 -3.15
CA GLU B 129 0.53 2.31 -4.42
C GLU B 129 1.91 2.83 -4.86
N GLU B 130 2.01 4.14 -5.01
CA GLU B 130 3.27 4.79 -5.41
C GLU B 130 4.37 4.51 -4.37
N VAL B 131 5.04 3.38 -4.53
CA VAL B 131 6.09 2.99 -3.60
C VAL B 131 7.25 4.02 -3.54
N LYS B 132 7.62 4.55 -4.70
CA LYS B 132 8.70 5.53 -4.79
C LYS B 132 8.46 6.77 -3.87
N ILE B 133 7.22 7.21 -3.79
CA ILE B 133 6.89 8.34 -2.93
C ILE B 133 7.17 7.93 -1.49
N ALA B 134 6.65 6.78 -1.09
CA ALA B 134 6.90 6.31 0.29
C ALA B 134 8.40 6.05 0.49
N GLU B 135 9.00 5.38 -0.49
CA GLU B 135 10.43 5.07 -0.44
C GLU B 135 11.27 6.35 -0.19
N ALA B 136 10.91 7.44 -0.88
CA ALA B 136 11.61 8.71 -0.74
C ALA B 136 11.30 9.35 0.61
N TYR B 137 10.03 9.30 0.99
CA TYR B 137 9.59 9.88 2.26
C TYR B 137 10.32 9.22 3.42
N GLN B 138 10.52 7.91 3.30
CA GLN B 138 11.19 7.14 4.33
C GLN B 138 12.64 7.61 4.47
N MET B 139 13.31 7.75 3.33
CA MET B 139 14.69 8.18 3.38
C MET B 139 14.84 9.55 4.10
N LEU B 140 13.93 10.49 3.80
CA LEU B 140 13.97 11.80 4.46
C LEU B 140 13.67 11.69 5.96
N LYS B 141 12.91 10.68 6.33
CA LYS B 141 12.58 10.47 7.74
C LYS B 141 13.82 9.93 8.48
N LYS B 142 14.35 8.81 8.00
CA LYS B 142 15.55 8.20 8.60
C LYS B 142 16.74 9.18 8.57
N GLN B 143 16.73 10.02 7.55
CA GLN B 143 17.78 11.02 7.39
C GLN B 143 17.67 12.13 8.46
N GLY B 144 16.64 12.04 9.29
CA GLY B 144 16.46 13.01 10.35
C GLY B 144 15.81 14.30 9.91
N ILE B 145 15.47 14.39 8.63
CA ILE B 145 14.85 15.60 8.07
C ILE B 145 13.34 15.73 8.49
N VAL B 146 12.76 14.63 9.01
CA VAL B 146 11.36 14.64 9.46
C VAL B 146 11.21 14.11 10.91
N GLU C 9 4.24 -36.77 11.06
CA GLU C 9 4.64 -37.47 9.80
C GLU C 9 4.01 -36.79 8.56
N THR C 10 2.70 -36.54 8.62
CA THR C 10 1.94 -35.92 7.52
C THR C 10 1.29 -34.59 7.94
N LEU C 11 0.82 -33.82 6.96
CA LEU C 11 0.18 -32.53 7.27
C LEU C 11 -0.87 -32.66 8.39
N GLU C 12 -1.91 -33.46 8.17
CA GLU C 12 -2.95 -33.64 9.21
C GLU C 12 -2.33 -33.92 10.59
N ALA C 13 -1.39 -34.87 10.64
CA ALA C 13 -0.74 -35.19 11.91
C ALA C 13 -0.02 -33.96 12.49
N ARG C 14 0.72 -33.26 11.64
CA ARG C 14 1.45 -32.07 12.09
C ARG C 14 0.52 -30.97 12.55
N ILE C 15 -0.50 -30.68 11.77
CA ILE C 15 -1.41 -29.62 12.16
C ILE C 15 -2.10 -29.96 13.46
N ASN C 16 -2.56 -31.20 13.59
CA ASN C 16 -3.23 -31.58 14.84
C ASN C 16 -2.31 -31.37 16.05
N ARG C 17 -1.02 -31.55 15.83
CA ARG C 17 -0.07 -31.32 16.91
C ARG C 17 0.19 -29.79 17.08
N ALA C 18 0.33 -29.09 15.97
CA ALA C 18 0.58 -27.65 16.02
C ALA C 18 -0.65 -26.83 16.54
N THR C 19 -1.86 -27.37 16.42
CA THR C 19 -3.03 -26.64 16.95
C THR C 19 -3.76 -27.43 18.06
N ASN C 20 -3.02 -28.30 18.73
CA ASN C 20 -3.61 -29.09 19.79
C ASN C 20 -4.11 -28.21 20.95
N PRO C 21 -5.43 -28.21 21.20
CA PRO C 21 -6.11 -27.46 22.26
C PRO C 21 -5.48 -27.61 23.63
N LEU C 22 -4.76 -28.71 23.82
CA LEU C 22 -4.09 -28.97 25.12
C LEU C 22 -2.77 -28.16 25.29
N ASN C 23 -1.98 -27.97 24.23
CA ASN C 23 -0.72 -27.23 24.33
C ASN C 23 -0.79 -26.09 25.34
N LYS C 24 0.17 -26.08 26.26
CA LYS C 24 0.21 -25.04 27.29
C LYS C 24 0.70 -23.71 26.70
N GLU C 25 1.43 -23.81 25.60
CA GLU C 25 1.97 -22.66 24.87
C GLU C 25 2.31 -23.09 23.43
N LEU C 26 2.54 -22.13 22.54
CA LEU C 26 2.87 -22.44 21.13
C LEU C 26 3.92 -23.53 20.95
N ASP C 27 3.70 -24.37 19.95
CA ASP C 27 4.63 -25.45 19.66
C ASP C 27 5.35 -25.20 18.33
N TRP C 28 6.27 -24.25 18.36
CA TRP C 28 7.02 -23.86 17.18
C TRP C 28 7.60 -25.02 16.38
N ALA C 29 8.03 -26.06 17.09
CA ALA C 29 8.58 -27.22 16.40
C ALA C 29 7.58 -27.76 15.33
N SER C 30 6.37 -28.08 15.79
CA SER C 30 5.31 -28.56 14.91
C SER C 30 4.92 -27.52 13.85
N ILE C 31 4.74 -26.27 14.29
CA ILE C 31 4.32 -25.19 13.40
C ILE C 31 5.30 -25.02 12.24
N ASN C 32 6.58 -24.94 12.57
CA ASN C 32 7.58 -24.79 11.51
C ASN C 32 7.66 -26.07 10.68
N GLY C 33 7.62 -27.22 11.35
CA GLY C 33 7.66 -28.49 10.63
C GLY C 33 6.55 -28.57 9.60
N PHE C 34 5.37 -28.08 9.99
CA PHE C 34 4.18 -28.07 9.11
C PHE C 34 4.37 -27.17 7.87
N CYS C 35 4.92 -25.97 8.07
CA CYS C 35 5.11 -25.07 6.94
C CYS C 35 6.10 -25.63 5.95
N GLU C 36 7.10 -26.32 6.47
CA GLU C 36 8.11 -26.91 5.62
C GLU C 36 7.56 -28.18 4.90
N GLN C 37 6.75 -28.94 5.61
CA GLN C 37 6.16 -30.17 5.06
C GLN C 37 5.20 -29.92 3.87
N LEU C 38 4.58 -28.74 3.81
CA LEU C 38 3.64 -28.44 2.74
C LEU C 38 4.33 -27.96 1.45
N ASN C 39 5.45 -27.25 1.60
CA ASN C 39 6.20 -26.74 0.43
C ASN C 39 6.81 -27.87 -0.45
N GLU C 40 6.78 -29.10 0.05
CA GLU C 40 7.31 -30.24 -0.71
C GLU C 40 6.29 -30.71 -1.76
N ASP C 41 5.42 -31.65 -1.39
CA ASP C 41 4.40 -32.13 -2.33
C ASP C 41 3.59 -30.97 -2.92
N PHE C 42 3.40 -30.97 -4.24
CA PHE C 42 2.65 -29.89 -4.93
C PHE C 42 1.15 -29.83 -4.53
N GLU C 43 0.61 -30.96 -4.08
CA GLU C 43 -0.79 -30.99 -3.65
C GLU C 43 -0.89 -30.72 -2.14
N GLY C 44 0.25 -30.36 -1.55
CA GLY C 44 0.30 -30.07 -0.13
C GLY C 44 -0.40 -28.78 0.22
N PRO C 45 -0.09 -27.67 -0.47
CA PRO C 45 -0.77 -26.40 -0.15
C PRO C 45 -2.32 -26.52 -0.08
N PRO C 46 -2.96 -27.13 -1.08
CA PRO C 46 -4.41 -27.23 -0.99
C PRO C 46 -4.85 -27.93 0.31
N LEU C 47 -4.21 -29.06 0.60
CA LEU C 47 -4.51 -29.85 1.80
C LEU C 47 -4.22 -29.06 3.10
N ALA C 48 -3.32 -28.08 3.01
CA ALA C 48 -3.00 -27.23 4.16
C ALA C 48 -4.10 -26.18 4.39
N THR C 49 -4.48 -25.45 3.34
CA THR C 49 -5.54 -24.42 3.48
C THR C 49 -6.85 -25.06 3.92
N ARG C 50 -7.20 -26.19 3.34
CA ARG C 50 -8.42 -26.87 3.73
C ARG C 50 -8.33 -27.31 5.20
N LEU C 51 -7.13 -27.68 5.65
CA LEU C 51 -6.95 -28.09 7.04
C LEU C 51 -6.99 -26.87 8.00
N LEU C 52 -6.34 -25.79 7.59
CA LEU C 52 -6.31 -24.58 8.39
C LEU C 52 -7.69 -23.93 8.51
N ALA C 53 -8.40 -23.81 7.39
CA ALA C 53 -9.75 -23.22 7.42
C ALA C 53 -10.57 -23.89 8.51
N HIS C 54 -10.51 -25.22 8.54
CA HIS C 54 -11.27 -25.91 9.56
C HIS C 54 -10.80 -25.57 10.99
N LYS C 55 -9.49 -25.59 11.26
CA LYS C 55 -8.98 -25.27 12.62
C LYS C 55 -9.31 -23.84 13.06
N ILE C 56 -9.11 -22.90 12.15
CA ILE C 56 -9.38 -21.50 12.43
C ILE C 56 -10.86 -21.25 12.79
N GLN C 57 -11.75 -22.12 12.30
CA GLN C 57 -13.20 -21.99 12.57
C GLN C 57 -13.66 -22.72 13.82
N SER C 58 -12.73 -23.41 14.49
CA SER C 58 -13.10 -24.15 15.69
C SER C 58 -13.65 -23.26 16.80
N PRO C 59 -14.59 -23.79 17.58
CA PRO C 59 -15.20 -23.07 18.69
C PRO C 59 -14.17 -22.90 19.85
N GLN C 60 -13.14 -23.74 19.86
CA GLN C 60 -12.10 -23.66 20.90
C GLN C 60 -11.07 -22.56 20.58
N GLU C 61 -11.20 -21.41 21.25
CA GLU C 61 -10.31 -20.27 20.99
C GLU C 61 -8.82 -20.63 20.76
N TRP C 62 -8.24 -21.32 21.74
CA TRP C 62 -6.83 -21.72 21.68
C TRP C 62 -6.49 -22.54 20.41
N GLU C 63 -7.45 -23.32 19.91
CA GLU C 63 -7.21 -24.11 18.70
C GLU C 63 -7.13 -23.17 17.47
N ALA C 64 -8.02 -22.19 17.42
CA ALA C 64 -8.04 -21.23 16.30
C ALA C 64 -6.83 -20.29 16.33
N ILE C 65 -6.45 -19.83 17.52
CA ILE C 65 -5.30 -18.93 17.65
C ILE C 65 -4.02 -19.64 17.23
N GLN C 66 -3.87 -20.91 17.59
CA GLN C 66 -2.68 -21.57 17.14
C GLN C 66 -2.81 -21.77 15.63
N ALA C 67 -4.01 -22.14 15.17
CA ALA C 67 -4.19 -22.32 13.71
C ALA C 67 -3.82 -21.02 12.96
N LEU C 68 -4.29 -19.90 13.48
CA LEU C 68 -3.99 -18.59 12.90
C LEU C 68 -2.49 -18.31 12.96
N THR C 69 -1.85 -18.76 14.03
CA THR C 69 -0.41 -18.54 14.16
C THR C 69 0.36 -19.41 13.15
N VAL C 70 -0.24 -20.52 12.75
CA VAL C 70 0.38 -21.40 11.78
C VAL C 70 0.26 -20.74 10.39
N LEU C 71 -0.94 -20.27 10.09
CA LEU C 71 -1.22 -19.57 8.82
C LEU C 71 -0.26 -18.40 8.66
N GLU C 72 -0.18 -17.57 9.69
CA GLU C 72 0.69 -16.42 9.66
C GLU C 72 2.15 -16.81 9.47
N THR C 73 2.56 -17.89 10.12
CA THR C 73 3.93 -18.32 10.01
C THR C 73 4.25 -18.86 8.59
N CYS C 74 3.40 -19.70 8.04
CA CYS C 74 3.68 -20.24 6.70
C CYS C 74 3.65 -19.16 5.59
N MET C 75 2.85 -18.12 5.76
CA MET C 75 2.81 -17.08 4.72
C MET C 75 4.16 -16.38 4.62
N LYS C 76 4.87 -16.34 5.73
CA LYS C 76 6.19 -15.71 5.75
C LYS C 76 7.20 -16.56 4.98
N SER C 77 7.25 -17.84 5.33
CA SER C 77 8.17 -18.79 4.73
C SER C 77 7.55 -19.62 3.63
N CYS C 78 7.10 -18.91 2.59
CA CYS C 78 6.50 -19.56 1.43
C CYS C 78 6.38 -18.61 0.22
N GLY C 79 6.43 -19.18 -0.97
CA GLY C 79 6.35 -18.40 -2.18
C GLY C 79 5.04 -18.63 -2.90
N LYS C 80 5.03 -18.29 -4.19
CA LYS C 80 3.83 -18.44 -5.02
C LYS C 80 2.94 -19.65 -4.61
N ARG C 81 3.56 -20.77 -4.29
CA ARG C 81 2.81 -21.98 -3.91
C ARG C 81 1.67 -21.75 -2.88
N PHE C 82 2.04 -21.65 -1.62
CA PHE C 82 1.08 -21.44 -0.55
C PHE C 82 0.41 -20.07 -0.62
N HIS C 83 1.13 -19.08 -1.10
CA HIS C 83 0.56 -17.76 -1.21
C HIS C 83 -0.66 -17.72 -2.12
N ASP C 84 -0.65 -18.49 -3.20
CA ASP C 84 -1.80 -18.48 -4.11
C ASP C 84 -3.01 -19.19 -3.52
N GLU C 85 -2.75 -20.31 -2.86
CA GLU C 85 -3.79 -21.10 -2.22
C GLU C 85 -4.53 -20.27 -1.13
N VAL C 86 -3.78 -19.40 -0.47
CA VAL C 86 -4.35 -18.54 0.56
C VAL C 86 -4.95 -17.30 -0.11
N GLY C 87 -4.39 -16.95 -1.27
CA GLY C 87 -4.86 -15.78 -2.00
C GLY C 87 -6.16 -16.05 -2.73
N LYS C 88 -6.69 -17.27 -2.65
CA LYS C 88 -7.96 -17.56 -3.34
C LYS C 88 -9.17 -17.34 -2.44
N PHE C 89 -10.33 -17.02 -3.02
CA PHE C 89 -11.53 -16.80 -2.20
C PHE C 89 -11.98 -18.11 -1.55
N ARG C 90 -11.58 -19.23 -2.14
CA ARG C 90 -11.90 -20.53 -1.57
C ARG C 90 -11.48 -20.56 -0.07
N PHE C 91 -10.37 -19.92 0.24
CA PHE C 91 -9.92 -19.87 1.61
C PHE C 91 -10.41 -18.55 2.28
N LEU C 92 -10.04 -17.42 1.70
CA LEU C 92 -10.44 -16.11 2.22
C LEU C 92 -11.89 -16.05 2.74
N ASN C 93 -12.81 -16.69 2.03
CA ASN C 93 -14.18 -16.69 2.48
C ASN C 93 -14.28 -17.33 3.86
N GLU C 94 -13.63 -18.47 4.04
CA GLU C 94 -13.66 -19.14 5.36
C GLU C 94 -13.20 -18.17 6.46
N LEU C 95 -12.21 -17.32 6.15
CA LEU C 95 -11.74 -16.31 7.13
C LEU C 95 -12.84 -15.25 7.38
N ILE C 96 -13.48 -14.79 6.30
CA ILE C 96 -14.57 -13.81 6.40
C ILE C 96 -15.71 -14.35 7.25
N LYS C 97 -16.07 -15.62 7.06
CA LYS C 97 -17.16 -16.17 7.85
C LYS C 97 -16.86 -16.08 9.36
N VAL C 98 -15.60 -16.28 9.73
CA VAL C 98 -15.22 -16.23 11.15
C VAL C 98 -15.36 -14.80 11.78
N VAL C 99 -14.99 -13.76 11.03
CA VAL C 99 -15.06 -12.39 11.55
C VAL C 99 -16.40 -11.66 11.24
N SER C 100 -17.03 -12.00 10.12
CA SER C 100 -18.29 -11.36 9.73
C SER C 100 -19.46 -11.76 10.65
N PRO C 101 -20.06 -10.77 11.34
CA PRO C 101 -21.18 -11.04 12.24
C PRO C 101 -22.31 -11.76 11.47
N LYS C 102 -22.44 -11.42 10.19
CA LYS C 102 -23.46 -12.03 9.34
C LYS C 102 -23.37 -13.57 9.39
N TYR C 103 -22.20 -14.09 9.75
CA TYR C 103 -21.97 -15.55 9.82
C TYR C 103 -21.57 -16.01 11.21
N LEU C 104 -20.34 -16.49 11.36
CA LEU C 104 -19.88 -16.96 12.68
C LEU C 104 -19.40 -15.81 13.57
N GLY C 105 -19.29 -14.63 12.97
CA GLY C 105 -18.84 -13.45 13.68
C GLY C 105 -19.45 -13.24 15.06
N SER C 106 -20.78 -13.32 15.12
CA SER C 106 -21.54 -13.12 16.36
C SER C 106 -21.05 -13.98 17.55
N ARG C 107 -20.60 -15.20 17.29
CA ARG C 107 -20.17 -16.10 18.36
C ARG C 107 -18.64 -16.38 18.38
N THR C 108 -17.90 -15.58 17.63
CA THR C 108 -16.43 -15.73 17.55
C THR C 108 -15.67 -14.84 18.57
N SER C 109 -14.68 -15.45 19.24
CA SER C 109 -13.85 -14.75 20.21
C SER C 109 -13.31 -13.41 19.62
N GLU C 110 -13.45 -12.31 20.36
CA GLU C 110 -12.97 -11.00 19.88
C GLU C 110 -11.45 -11.04 19.60
N LYS C 111 -10.75 -11.88 20.36
CA LYS C 111 -9.31 -12.03 20.17
C LYS C 111 -9.03 -12.63 18.75
N VAL C 112 -9.65 -13.77 18.44
CA VAL C 112 -9.49 -14.48 17.15
C VAL C 112 -9.85 -13.60 15.93
N LYS C 113 -10.85 -12.73 16.07
CA LYS C 113 -11.23 -11.85 14.95
C LYS C 113 -10.16 -10.82 14.66
N ASN C 114 -9.64 -10.21 15.71
CA ASN C 114 -8.58 -9.21 15.53
C ASN C 114 -7.36 -9.83 14.82
N LYS C 115 -6.93 -11.00 15.29
CA LYS C 115 -5.78 -11.67 14.70
C LYS C 115 -5.97 -11.78 13.19
N ILE C 116 -7.14 -12.26 12.77
CA ILE C 116 -7.43 -12.39 11.33
C ILE C 116 -7.37 -11.01 10.62
N LEU C 117 -7.90 -9.98 11.30
CA LEU C 117 -7.89 -8.62 10.72
C LEU C 117 -6.43 -8.07 10.66
N GLU C 118 -5.60 -8.40 11.64
CA GLU C 118 -4.20 -7.96 11.57
C GLU C 118 -3.50 -8.72 10.40
N LEU C 119 -3.79 -10.01 10.28
CA LEU C 119 -3.19 -10.80 9.21
C LEU C 119 -3.61 -10.29 7.82
N LEU C 120 -4.92 -10.21 7.60
CA LEU C 120 -5.41 -9.75 6.32
C LEU C 120 -4.74 -8.41 5.95
N TYR C 121 -4.73 -7.47 6.89
CA TYR C 121 -4.11 -6.16 6.64
C TYR C 121 -2.61 -6.30 6.35
N SER C 122 -1.94 -7.01 7.26
CA SER C 122 -0.51 -7.29 7.15
C SER C 122 -0.16 -7.81 5.75
N TRP C 123 -1.05 -8.62 5.18
CA TRP C 123 -0.81 -9.16 3.83
C TRP C 123 -1.11 -8.17 2.69
N THR C 124 -2.08 -7.28 2.87
CA THR C 124 -2.37 -6.31 1.81
C THR C 124 -1.14 -5.36 1.64
N VAL C 125 -0.48 -5.06 2.75
CA VAL C 125 0.71 -4.20 2.77
C VAL C 125 1.99 -4.96 2.34
N GLY C 126 2.17 -6.17 2.87
CA GLY C 126 3.35 -6.96 2.56
C GLY C 126 3.26 -7.67 1.23
N LEU C 127 2.09 -8.18 0.89
CA LEU C 127 1.89 -8.87 -0.37
C LEU C 127 0.79 -8.19 -1.19
N PRO C 128 1.01 -6.93 -1.59
CA PRO C 128 0.03 -6.17 -2.39
C PRO C 128 -0.27 -6.83 -3.75
N GLU C 129 0.62 -7.71 -4.20
CA GLU C 129 0.38 -8.39 -5.47
C GLU C 129 -0.90 -9.23 -5.40
N GLU C 130 -1.13 -9.85 -4.23
CA GLU C 130 -2.33 -10.67 -4.03
C GLU C 130 -3.58 -9.79 -3.97
N VAL C 131 -4.12 -9.51 -5.15
CA VAL C 131 -5.31 -8.66 -5.29
C VAL C 131 -6.51 -9.15 -4.45
N LYS C 132 -6.84 -10.43 -4.57
CA LYS C 132 -7.98 -11.01 -3.82
C LYS C 132 -7.84 -10.80 -2.29
N ILE C 133 -6.64 -10.95 -1.75
CA ILE C 133 -6.44 -10.74 -0.31
C ILE C 133 -6.81 -9.31 0.04
N ALA C 134 -6.39 -8.37 -0.81
CA ALA C 134 -6.71 -6.97 -0.59
C ALA C 134 -8.22 -6.70 -0.84
N GLU C 135 -8.76 -7.35 -1.88
CA GLU C 135 -10.18 -7.19 -2.22
C GLU C 135 -11.06 -7.62 -1.04
N ALA C 136 -10.77 -8.80 -0.50
CA ALA C 136 -11.49 -9.33 0.64
C ALA C 136 -11.33 -8.39 1.85
N TYR C 137 -10.15 -7.80 2.02
CA TYR C 137 -9.92 -6.89 3.15
C TYR C 137 -10.75 -5.62 3.00
N GLN C 138 -10.87 -5.13 1.76
CA GLN C 138 -11.67 -3.94 1.53
C GLN C 138 -13.15 -4.21 1.78
N MET C 139 -13.67 -5.28 1.18
CA MET C 139 -15.06 -5.63 1.40
C MET C 139 -15.34 -5.77 2.90
N LEU C 140 -14.34 -6.20 3.66
CA LEU C 140 -14.48 -6.37 5.11
C LEU C 140 -14.44 -5.01 5.82
N LYS C 141 -13.70 -4.07 5.25
CA LYS C 141 -13.60 -2.74 5.84
C LYS C 141 -14.85 -1.92 5.46
N LYS C 142 -15.42 -2.26 4.31
CA LYS C 142 -16.62 -1.59 3.84
C LYS C 142 -17.83 -1.94 4.74
N GLN C 143 -17.83 -3.16 5.27
CA GLN C 143 -18.93 -3.58 6.16
C GLN C 143 -18.78 -2.95 7.55
N GLY C 144 -17.71 -2.18 7.72
CA GLY C 144 -17.46 -1.53 8.99
C GLY C 144 -16.98 -2.51 10.04
N ILE C 145 -16.34 -3.58 9.60
CA ILE C 145 -15.82 -4.59 10.53
C ILE C 145 -14.55 -4.09 11.25
N VAL C 146 -13.73 -3.31 10.55
CA VAL C 146 -12.48 -2.76 11.12
C VAL C 146 -12.66 -1.33 11.74
N GLU D 9 -13.85 -32.87 34.07
CA GLU D 9 -13.40 -32.59 32.68
C GLU D 9 -14.45 -31.79 31.90
N THR D 10 -13.99 -30.83 31.12
CA THR D 10 -14.92 -30.03 30.33
C THR D 10 -15.41 -30.80 29.07
N LEU D 11 -16.50 -30.33 28.50
CA LEU D 11 -17.05 -30.92 27.30
C LEU D 11 -15.98 -30.96 26.17
N GLU D 12 -15.32 -29.82 25.95
CA GLU D 12 -14.26 -29.73 24.90
C GLU D 12 -13.19 -30.81 25.09
N ALA D 13 -12.73 -30.96 26.33
CA ALA D 13 -11.71 -31.98 26.62
C ALA D 13 -12.21 -33.39 26.29
N ARG D 14 -13.48 -33.65 26.61
CA ARG D 14 -14.06 -34.98 26.34
C ARG D 14 -14.21 -35.25 24.83
N ILE D 15 -14.85 -34.32 24.13
CA ILE D 15 -15.05 -34.48 22.67
C ILE D 15 -13.72 -34.61 21.87
N ASN D 16 -12.69 -33.87 22.25
CA ASN D 16 -11.42 -33.98 21.52
C ASN D 16 -10.85 -35.39 21.65
N ARG D 17 -11.03 -36.00 22.81
CA ARG D 17 -10.53 -37.35 23.05
C ARG D 17 -11.43 -38.39 22.38
N ALA D 18 -12.73 -38.15 22.45
CA ALA D 18 -13.68 -39.06 21.83
C ALA D 18 -13.57 -39.10 20.29
N THR D 19 -13.17 -37.97 19.69
CA THR D 19 -13.06 -37.90 18.22
C THR D 19 -11.61 -37.73 17.71
N ASN D 20 -10.66 -37.94 18.62
CA ASN D 20 -9.25 -37.82 18.31
C ASN D 20 -8.87 -38.67 17.10
N PRO D 21 -8.37 -38.04 16.03
CA PRO D 21 -7.97 -38.76 14.81
C PRO D 21 -6.89 -39.86 15.09
N LEU D 22 -6.14 -39.70 16.18
CA LEU D 22 -5.10 -40.69 16.56
C LEU D 22 -5.70 -42.05 17.03
N ASN D 23 -6.83 -41.99 17.73
CA ASN D 23 -7.48 -43.19 18.25
C ASN D 23 -7.46 -44.37 17.25
N LYS D 24 -6.94 -45.51 17.70
CA LYS D 24 -6.88 -46.73 16.88
C LYS D 24 -8.27 -47.39 16.78
N GLU D 25 -9.08 -47.17 17.82
CA GLU D 25 -10.46 -47.69 17.90
C GLU D 25 -11.38 -46.70 18.70
N LEU D 26 -12.68 -46.92 18.66
CA LEU D 26 -13.62 -46.05 19.38
C LEU D 26 -13.29 -45.95 20.88
N ASP D 27 -13.30 -44.74 21.39
CA ASP D 27 -13.00 -44.50 22.80
C ASP D 27 -14.30 -44.34 23.60
N TRP D 28 -15.02 -45.45 23.73
CA TRP D 28 -16.31 -45.46 24.46
C TRP D 28 -16.21 -44.80 25.82
N ALA D 29 -15.07 -44.97 26.47
CA ALA D 29 -14.88 -44.35 27.77
C ALA D 29 -15.08 -42.82 27.68
N SER D 30 -14.44 -42.22 26.68
CA SER D 30 -14.52 -40.76 26.43
C SER D 30 -15.83 -40.36 25.71
N ILE D 31 -16.34 -41.25 24.88
CA ILE D 31 -17.59 -41.00 24.16
C ILE D 31 -18.80 -40.90 25.13
N ASN D 32 -19.03 -41.97 25.88
CA ASN D 32 -20.13 -42.00 26.85
C ASN D 32 -19.98 -40.89 27.92
N GLY D 33 -18.73 -40.55 28.23
CA GLY D 33 -18.44 -39.50 29.20
C GLY D 33 -18.90 -38.14 28.70
N PHE D 34 -18.91 -37.96 27.38
CA PHE D 34 -19.35 -36.68 26.76
C PHE D 34 -20.87 -36.55 26.86
N CYS D 35 -21.57 -37.61 26.43
CA CYS D 35 -23.05 -37.61 26.50
C CYS D 35 -23.55 -37.40 27.95
N GLU D 36 -22.93 -38.13 28.86
CA GLU D 36 -23.26 -38.07 30.27
C GLU D 36 -22.99 -36.67 30.89
N GLN D 37 -22.07 -35.92 30.30
CA GLN D 37 -21.74 -34.59 30.84
C GLN D 37 -22.52 -33.45 30.18
N LEU D 38 -22.73 -33.53 28.87
CA LEU D 38 -23.44 -32.48 28.15
C LEU D 38 -24.80 -32.11 28.80
N ASN D 39 -25.29 -32.99 29.66
CA ASN D 39 -26.58 -32.72 30.32
C ASN D 39 -26.44 -31.95 31.64
N GLU D 40 -25.39 -32.28 32.40
CA GLU D 40 -25.14 -31.61 33.71
C GLU D 40 -25.37 -30.09 33.65
N ASP D 41 -24.47 -29.37 33.02
CA ASP D 41 -24.65 -27.92 32.91
C ASP D 41 -26.02 -27.57 32.33
N PHE D 42 -26.45 -26.32 32.52
CA PHE D 42 -27.74 -25.86 31.99
C PHE D 42 -27.60 -25.41 30.49
N GLU D 43 -26.38 -24.97 30.12
CA GLU D 43 -26.10 -24.53 28.75
C GLU D 43 -25.18 -25.54 27.99
N GLY D 44 -25.04 -26.73 28.56
CA GLY D 44 -24.21 -27.76 27.95
C GLY D 44 -24.76 -28.30 26.63
N PRO D 45 -26.07 -28.56 26.52
CA PRO D 45 -26.60 -29.08 25.27
C PRO D 45 -26.27 -28.17 24.07
N PRO D 46 -26.63 -26.87 24.13
CA PRO D 46 -26.33 -25.96 23.02
C PRO D 46 -24.82 -25.96 22.65
N LEU D 47 -23.98 -26.15 23.66
CA LEU D 47 -22.53 -26.19 23.47
C LEU D 47 -22.08 -27.52 22.88
N ALA D 48 -22.73 -28.59 23.29
CA ALA D 48 -22.37 -29.89 22.78
C ALA D 48 -22.70 -30.01 21.28
N THR D 49 -23.84 -29.46 20.87
CA THR D 49 -24.17 -29.55 19.45
C THR D 49 -23.18 -28.72 18.60
N ARG D 50 -22.68 -27.64 19.18
CA ARG D 50 -21.69 -26.77 18.52
C ARG D 50 -20.35 -27.47 18.35
N LEU D 51 -19.85 -28.01 19.43
CA LEU D 51 -18.59 -28.71 19.35
C LEU D 51 -18.68 -29.85 18.32
N LEU D 52 -19.82 -30.55 18.33
CA LEU D 52 -20.04 -31.67 17.40
C LEU D 52 -20.15 -31.24 15.92
N ALA D 53 -20.89 -30.17 15.65
CA ALA D 53 -21.05 -29.72 14.27
C ALA D 53 -19.69 -29.35 13.70
N HIS D 54 -18.82 -28.79 14.55
CA HIS D 54 -17.50 -28.45 14.07
C HIS D 54 -16.71 -29.71 13.77
N LYS D 55 -16.73 -30.66 14.70
CA LYS D 55 -16.01 -31.93 14.54
C LYS D 55 -16.55 -32.76 13.33
N ILE D 56 -17.87 -32.68 13.09
CA ILE D 56 -18.51 -33.42 11.98
C ILE D 56 -18.10 -32.86 10.56
N GLN D 57 -17.80 -31.57 10.49
CA GLN D 57 -17.42 -30.93 9.24
C GLN D 57 -15.91 -30.99 8.99
N SER D 58 -15.21 -31.73 9.84
CA SER D 58 -13.74 -31.87 9.74
C SER D 58 -13.24 -32.50 8.43
N PRO D 59 -12.23 -31.90 7.79
CA PRO D 59 -11.67 -32.43 6.55
C PRO D 59 -11.17 -33.87 6.77
N GLN D 60 -10.79 -34.16 8.02
CA GLN D 60 -10.28 -35.48 8.40
C GLN D 60 -11.42 -36.48 8.73
N GLU D 61 -11.65 -37.41 7.80
CA GLU D 61 -12.75 -38.39 7.91
C GLU D 61 -12.89 -39.11 9.25
N TRP D 62 -11.83 -39.77 9.69
CA TRP D 62 -11.88 -40.51 10.97
C TRP D 62 -12.37 -39.60 12.14
N GLU D 63 -12.10 -38.29 12.03
CA GLU D 63 -12.53 -37.33 13.07
C GLU D 63 -14.05 -37.06 13.00
N ALA D 64 -14.56 -36.87 11.78
CA ALA D 64 -15.96 -36.59 11.55
C ALA D 64 -16.82 -37.85 11.83
N ILE D 65 -16.33 -39.00 11.36
CA ILE D 65 -17.05 -40.25 11.59
C ILE D 65 -17.19 -40.55 13.09
N GLN D 66 -16.09 -40.44 13.81
CA GLN D 66 -16.18 -40.66 15.24
C GLN D 66 -17.18 -39.65 15.82
N ALA D 67 -17.06 -38.39 15.39
CA ALA D 67 -17.97 -37.35 15.89
C ALA D 67 -19.44 -37.73 15.63
N LEU D 68 -19.70 -38.42 14.52
CA LEU D 68 -21.06 -38.86 14.21
C LEU D 68 -21.46 -39.98 15.19
N THR D 69 -20.55 -40.91 15.42
CA THR D 69 -20.82 -41.97 16.39
C THR D 69 -21.15 -41.32 17.76
N VAL D 70 -20.47 -40.21 18.07
CA VAL D 70 -20.74 -39.49 19.34
C VAL D 70 -22.15 -38.84 19.29
N LEU D 71 -22.58 -38.46 18.10
CA LEU D 71 -23.88 -37.85 17.95
C LEU D 71 -24.96 -38.94 18.00
N GLU D 72 -24.72 -40.03 17.29
CA GLU D 72 -25.63 -41.15 17.28
C GLU D 72 -25.86 -41.64 18.72
N THR D 73 -24.75 -41.97 19.39
CA THR D 73 -24.79 -42.45 20.76
C THR D 73 -25.49 -41.48 21.75
N CYS D 74 -25.17 -40.20 21.70
CA CYS D 74 -25.83 -39.26 22.63
C CYS D 74 -27.35 -39.12 22.37
N MET D 75 -27.76 -39.25 21.11
CA MET D 75 -29.20 -39.13 20.80
C MET D 75 -30.01 -40.26 21.47
N LYS D 76 -29.40 -41.43 21.50
CA LYS D 76 -30.02 -42.59 22.10
C LYS D 76 -30.04 -42.53 23.64
N SER D 77 -28.90 -42.18 24.23
CA SER D 77 -28.75 -42.10 25.70
C SER D 77 -29.50 -40.93 26.38
N CYS D 78 -29.23 -39.71 25.94
CA CYS D 78 -29.84 -38.51 26.51
C CYS D 78 -31.36 -38.40 26.23
N GLY D 79 -31.99 -37.39 26.82
CA GLY D 79 -33.42 -37.22 26.63
C GLY D 79 -33.80 -35.91 25.95
N LYS D 80 -35.02 -35.46 26.23
CA LYS D 80 -35.57 -34.21 25.66
C LYS D 80 -34.53 -33.08 25.62
N ARG D 81 -33.58 -33.11 26.55
CA ARG D 81 -32.51 -32.09 26.60
C ARG D 81 -31.77 -31.94 25.26
N PHE D 82 -30.91 -32.93 24.99
CA PHE D 82 -30.14 -32.98 23.75
C PHE D 82 -31.08 -33.02 22.53
N HIS D 83 -32.05 -33.93 22.58
CA HIS D 83 -33.03 -34.10 21.49
C HIS D 83 -33.53 -32.75 20.91
N ASP D 84 -33.91 -31.84 21.79
CA ASP D 84 -34.37 -30.52 21.36
C ASP D 84 -33.26 -29.72 20.64
N GLU D 85 -32.03 -29.76 21.17
CA GLU D 85 -30.91 -29.02 20.54
C GLU D 85 -30.61 -29.58 19.13
N VAL D 86 -30.58 -30.90 19.01
CA VAL D 86 -30.32 -31.47 17.70
C VAL D 86 -31.53 -31.20 16.77
N GLY D 87 -32.69 -31.04 17.37
CA GLY D 87 -33.87 -30.78 16.57
C GLY D 87 -34.03 -29.35 16.16
N LYS D 88 -32.96 -28.57 16.26
CA LYS D 88 -33.09 -27.17 15.84
C LYS D 88 -32.32 -26.94 14.56
N PHE D 89 -32.77 -26.00 13.75
CA PHE D 89 -32.08 -25.72 12.50
C PHE D 89 -30.68 -25.18 12.79
N ARG D 90 -30.50 -24.62 13.98
CA ARG D 90 -29.18 -24.10 14.33
C ARG D 90 -28.12 -25.21 14.22
N PHE D 91 -28.56 -26.44 14.49
CA PHE D 91 -27.68 -27.59 14.36
C PHE D 91 -28.03 -28.41 13.10
N LEU D 92 -29.29 -28.39 12.69
CA LEU D 92 -29.66 -29.17 11.50
C LEU D 92 -28.99 -28.57 10.26
N ASN D 93 -28.95 -27.24 10.19
CA ASN D 93 -28.31 -26.58 9.06
C ASN D 93 -26.82 -27.04 8.92
N GLU D 94 -26.16 -27.29 10.05
CA GLU D 94 -24.78 -27.75 10.01
C GLU D 94 -24.67 -29.17 9.37
N LEU D 95 -25.71 -29.99 9.53
CA LEU D 95 -25.73 -31.31 8.93
C LEU D 95 -26.08 -31.19 7.44
N ILE D 96 -27.01 -30.30 7.13
CA ILE D 96 -27.39 -30.08 5.74
C ILE D 96 -26.16 -29.56 4.96
N LYS D 97 -25.43 -28.63 5.55
CA LYS D 97 -24.25 -28.13 4.90
C LYS D 97 -23.24 -29.25 4.58
N VAL D 98 -23.16 -30.26 5.43
CA VAL D 98 -22.19 -31.33 5.14
C VAL D 98 -22.61 -32.25 3.95
N VAL D 99 -23.91 -32.56 3.83
CA VAL D 99 -24.42 -33.46 2.78
C VAL D 99 -25.00 -32.78 1.52
N SER D 100 -25.04 -31.45 1.48
CA SER D 100 -25.62 -30.78 0.30
C SER D 100 -24.59 -30.16 -0.65
N PRO D 101 -24.71 -30.45 -1.96
CA PRO D 101 -23.80 -29.94 -2.98
C PRO D 101 -23.65 -28.39 -2.91
N LYS D 102 -24.76 -27.71 -2.65
CA LYS D 102 -24.74 -26.24 -2.54
C LYS D 102 -23.76 -25.75 -1.46
N TYR D 103 -23.13 -26.66 -0.74
CA TYR D 103 -22.20 -26.27 0.34
C TYR D 103 -20.93 -27.15 0.38
N LEU D 104 -20.75 -27.85 1.49
CA LEU D 104 -19.58 -28.73 1.67
C LEU D 104 -19.79 -30.13 1.07
N GLY D 105 -21.03 -30.41 0.63
CA GLY D 105 -21.34 -31.71 0.05
C GLY D 105 -20.29 -32.25 -0.91
N SER D 106 -20.05 -31.51 -1.98
CA SER D 106 -19.08 -31.86 -3.02
C SER D 106 -17.67 -32.13 -2.48
N ARG D 107 -17.38 -31.67 -1.26
CA ARG D 107 -16.04 -31.85 -0.67
C ARG D 107 -16.02 -32.80 0.54
N THR D 108 -17.16 -33.38 0.87
CA THR D 108 -17.26 -34.29 2.02
C THR D 108 -17.26 -35.76 1.53
N SER D 109 -16.65 -36.65 2.30
CA SER D 109 -16.57 -38.08 1.96
C SER D 109 -17.91 -38.78 1.96
N GLU D 110 -18.12 -39.63 0.97
CA GLU D 110 -19.36 -40.37 0.82
C GLU D 110 -19.73 -41.12 2.14
N LYS D 111 -18.72 -41.65 2.83
CA LYS D 111 -18.97 -42.36 4.08
C LYS D 111 -19.63 -41.43 5.10
N VAL D 112 -19.01 -40.29 5.33
CA VAL D 112 -19.56 -39.31 6.26
C VAL D 112 -20.97 -38.85 5.86
N LYS D 113 -21.15 -38.49 4.60
CA LYS D 113 -22.47 -38.04 4.14
C LYS D 113 -23.53 -39.12 4.31
N ASN D 114 -23.24 -40.34 3.88
CA ASN D 114 -24.25 -41.39 4.05
C ASN D 114 -24.54 -41.62 5.52
N LYS D 115 -23.53 -41.58 6.37
CA LYS D 115 -23.78 -41.79 7.79
C LYS D 115 -24.78 -40.73 8.33
N ILE D 116 -24.59 -39.47 7.93
CA ILE D 116 -25.50 -38.43 8.37
C ILE D 116 -26.94 -38.68 7.85
N LEU D 117 -27.05 -39.11 6.60
CA LEU D 117 -28.37 -39.40 6.02
C LEU D 117 -29.06 -40.56 6.74
N GLU D 118 -28.30 -41.47 7.31
CA GLU D 118 -28.92 -42.55 8.04
C GLU D 118 -29.46 -42.04 9.37
N LEU D 119 -28.63 -41.26 10.07
CA LEU D 119 -29.05 -40.73 11.39
C LEU D 119 -30.29 -39.83 11.27
N LEU D 120 -30.26 -38.94 10.27
CA LEU D 120 -31.40 -38.05 10.06
C LEU D 120 -32.67 -38.89 9.92
N TYR D 121 -32.58 -39.97 9.16
CA TYR D 121 -33.74 -40.84 8.98
C TYR D 121 -34.15 -41.51 10.31
N SER D 122 -33.19 -42.17 10.96
CA SER D 122 -33.49 -42.86 12.23
C SER D 122 -34.20 -41.91 13.23
N TRP D 123 -33.89 -40.61 13.16
CA TRP D 123 -34.55 -39.67 14.07
C TRP D 123 -35.99 -39.35 13.65
N THR D 124 -36.23 -39.13 12.35
CA THR D 124 -37.58 -38.83 11.88
C THR D 124 -38.54 -40.00 12.21
N VAL D 125 -37.94 -41.15 12.49
CA VAL D 125 -38.72 -42.31 12.82
C VAL D 125 -38.80 -42.57 14.35
N GLY D 126 -37.69 -42.46 15.06
CA GLY D 126 -37.72 -42.70 16.48
C GLY D 126 -38.14 -41.49 17.27
N LEU D 127 -37.95 -40.32 16.68
CA LEU D 127 -38.29 -39.05 17.34
C LEU D 127 -39.16 -38.11 16.48
N PRO D 128 -40.30 -38.60 15.98
CA PRO D 128 -41.19 -37.77 15.14
C PRO D 128 -41.64 -36.45 15.84
N GLU D 129 -41.53 -36.38 17.17
CA GLU D 129 -41.92 -35.15 17.91
C GLU D 129 -41.12 -33.92 17.45
N GLU D 130 -39.91 -34.17 16.95
CA GLU D 130 -39.05 -33.13 16.45
C GLU D 130 -39.37 -32.83 14.97
N VAL D 131 -40.43 -32.08 14.74
CA VAL D 131 -40.85 -31.74 13.39
C VAL D 131 -39.71 -31.20 12.52
N LYS D 132 -38.91 -30.32 13.10
CA LYS D 132 -37.79 -29.73 12.36
C LYS D 132 -36.88 -30.80 11.73
N ILE D 133 -36.58 -31.87 12.46
CA ILE D 133 -35.75 -32.95 11.90
C ILE D 133 -36.40 -33.52 10.63
N ALA D 134 -37.70 -33.80 10.70
CA ALA D 134 -38.45 -34.35 9.55
C ALA D 134 -38.49 -33.34 8.38
N GLU D 135 -38.77 -32.07 8.69
CA GLU D 135 -38.80 -31.01 7.66
C GLU D 135 -37.45 -30.95 6.87
N ALA D 136 -36.33 -30.89 7.61
CA ALA D 136 -35.00 -30.86 6.98
C ALA D 136 -34.77 -32.12 6.13
N TYR D 137 -35.10 -33.28 6.70
CA TYR D 137 -34.95 -34.55 5.99
C TYR D 137 -35.80 -34.55 4.71
N GLN D 138 -37.05 -34.13 4.86
CA GLN D 138 -37.97 -34.05 3.73
C GLN D 138 -37.41 -33.13 2.62
N MET D 139 -36.84 -31.99 3.01
CA MET D 139 -36.27 -31.11 2.00
C MET D 139 -35.12 -31.85 1.28
N LEU D 140 -34.23 -32.50 2.04
CA LEU D 140 -33.11 -33.22 1.42
C LEU D 140 -33.63 -34.23 0.41
N LYS D 141 -34.78 -34.83 0.72
CA LYS D 141 -35.39 -35.81 -0.16
C LYS D 141 -35.97 -35.12 -1.39
N LYS D 142 -36.60 -33.96 -1.19
CA LYS D 142 -37.18 -33.21 -2.30
C LYS D 142 -36.10 -32.74 -3.27
N GLN D 143 -34.89 -32.56 -2.77
CA GLN D 143 -33.77 -32.11 -3.61
C GLN D 143 -32.95 -33.30 -4.19
N GLY D 144 -33.38 -34.52 -3.85
CA GLY D 144 -32.68 -35.68 -4.34
C GLY D 144 -31.45 -36.07 -3.54
N ILE D 145 -31.00 -35.20 -2.63
CA ILE D 145 -29.83 -35.55 -1.81
C ILE D 145 -30.06 -36.91 -1.15
N VAL D 146 -31.33 -37.20 -0.89
CA VAL D 146 -31.79 -38.47 -0.31
C VAL D 146 -32.60 -39.18 -1.40
N LYS D 147 -32.16 -40.35 -1.86
CA LYS D 147 -32.91 -41.03 -2.91
C LYS D 147 -34.02 -41.94 -2.35
N SER D 148 -33.73 -42.62 -1.25
CA SER D 148 -34.70 -43.50 -0.59
C SER D 148 -34.31 -43.69 0.89
N ASP D 149 -35.22 -44.20 1.70
CA ASP D 149 -34.91 -44.37 3.13
C ASP D 149 -33.97 -45.59 3.41
N PRO D 150 -32.82 -45.36 4.12
CA PRO D 150 -31.88 -46.45 4.43
C PRO D 150 -32.52 -47.61 5.28
N ASP E 2 31.51 32.71 2.34
CA ASP E 2 32.58 31.83 1.79
C ASP E 2 32.09 31.28 0.43
N ASP E 3 32.83 30.32 -0.13
CA ASP E 3 32.49 29.72 -1.44
C ASP E 3 32.66 28.19 -1.44
N ILE E 4 31.89 27.50 -2.26
CA ILE E 4 32.00 26.05 -2.33
C ILE E 4 32.99 25.63 -3.42
N SEP E 5 33.30 24.35 -3.46
CA SEP E 5 34.25 23.79 -4.43
CB SEP E 5 34.70 22.41 -3.94
OG SEP E 5 33.95 21.54 -3.67
C SEP E 5 33.65 23.68 -5.85
O SEP E 5 32.44 23.68 -6.05
P SEP E 5 34.77 20.69 -2.62
O1P SEP E 5 36.05 19.87 -3.01
O2P SEP E 5 33.55 19.68 -2.42
O3P SEP E 5 34.97 21.65 -1.36
N LEU E 6 34.54 23.60 -6.83
CA LEU E 6 34.11 23.46 -8.23
C LEU E 6 33.36 22.15 -8.44
N LEU E 7 32.26 22.23 -9.16
CA LEU E 7 31.46 21.05 -9.49
C LEU E 7 32.32 20.11 -10.37
N LYS E 8 32.10 18.81 -10.23
CA LYS E 8 32.87 17.82 -11.01
C LYS E 8 32.27 17.55 -12.40
N ASP F 2 12.64 3.74 -16.99
CA ASP F 2 12.12 5.06 -17.46
C ASP F 2 12.23 6.12 -16.32
N ASP F 3 12.97 5.80 -15.27
CA ASP F 3 13.13 6.71 -14.14
C ASP F 3 14.61 6.79 -13.68
N ILE F 4 14.89 7.68 -12.74
CA ILE F 4 16.24 7.87 -12.23
C ILE F 4 16.40 7.27 -10.83
N SEP F 5 17.63 7.28 -10.32
CA SEP F 5 17.92 6.76 -8.98
CB SEP F 5 19.42 6.37 -8.96
OG SEP F 5 20.02 6.10 -9.94
C SEP F 5 17.67 7.83 -7.89
O SEP F 5 17.97 9.00 -8.08
P SEP F 5 21.12 5.16 -9.36
O1P SEP F 5 22.26 5.69 -8.42
O2P SEP F 5 21.74 4.93 -10.83
O3P SEP F 5 20.35 3.88 -8.80
N LEU F 6 17.11 7.40 -6.75
CA LEU F 6 16.82 8.31 -5.63
C LEU F 6 18.07 9.05 -5.13
N LEU F 7 18.02 10.37 -5.02
CA LEU F 7 19.17 11.14 -4.55
C LEU F 7 19.78 10.59 -3.28
N LYS F 8 21.07 10.29 -3.33
CA LYS F 8 21.77 9.75 -2.16
C LYS F 8 21.96 10.82 -1.03
N ASP G 3 -11.42 -21.13 -8.93
CA ASP G 3 -11.73 -20.50 -7.61
C ASP G 3 -13.21 -20.05 -7.57
N ILE G 4 -13.73 -19.78 -6.38
CA ILE G 4 -15.12 -19.34 -6.23
C ILE G 4 -15.23 -17.83 -6.01
N SEP G 5 -16.45 -17.30 -6.04
CA SEP G 5 -16.69 -15.85 -5.87
CB SEP G 5 -18.12 -15.55 -6.35
OG SEP G 5 -19.07 -15.99 -5.83
C SEP G 5 -16.55 -15.40 -4.40
O SEP G 5 -16.83 -16.14 -3.47
P SEP G 5 -20.10 -15.98 -6.99
O1P SEP G 5 -20.67 -14.65 -7.59
O2P SEP G 5 -21.23 -16.64 -6.07
O3P SEP G 5 -19.50 -16.99 -8.05
N LEU G 6 -16.15 -14.14 -4.21
CA LEU G 6 -16.00 -13.56 -2.87
C LEU G 6 -17.32 -13.54 -2.11
N LEU G 7 -17.24 -13.91 -0.84
CA LEU G 7 -18.42 -13.91 0.01
C LEU G 7 -18.99 -12.49 0.11
N LYS G 8 -19.98 -12.29 0.97
CA LYS G 8 -20.59 -10.97 1.13
C LYS G 8 -20.96 -10.65 2.62
N ASP H 2 -35.45 -18.07 19.19
CA ASP H 2 -34.00 -18.32 19.47
C ASP H 2 -33.35 -19.15 18.33
N ASP H 3 -34.14 -19.95 17.62
CA ASP H 3 -33.59 -20.77 16.51
C ASP H 3 -33.70 -20.03 15.17
N ILE H 4 -32.83 -20.37 14.23
CA ILE H 4 -32.84 -19.74 12.94
C ILE H 4 -33.69 -20.51 11.93
N SEP H 5 -33.84 -19.94 10.74
CA SEP H 5 -34.63 -20.55 9.67
CB SEP H 5 -34.87 -19.47 8.59
OG SEP H 5 -34.19 -18.52 8.49
C SEP H 5 -33.89 -21.75 9.00
O SEP H 5 -32.67 -21.81 8.98
P SEP H 5 -35.13 -17.48 7.81
O1P SEP H 5 -35.63 -17.64 6.32
O2P SEP H 5 -33.96 -16.39 7.84
O3P SEP H 5 -36.29 -17.18 8.87
N LEU H 6 -34.67 -22.68 8.46
CA LEU H 6 -34.11 -23.84 7.79
C LEU H 6 -33.26 -23.45 6.58
N LEU H 7 -32.01 -23.90 6.56
CA LEU H 7 -31.15 -23.60 5.43
C LEU H 7 -31.77 -24.15 4.12
N LYS H 8 -32.10 -23.26 3.18
CA LYS H 8 -32.73 -23.66 1.90
C LYS H 8 -31.70 -24.25 0.90
#